data_2EEU
#
_entry.id   2EEU
#
_cell.length_a   132.990
_cell.length_b   35.240
_cell.length_c   42.130
_cell.angle_alpha   90.00
_cell.angle_beta   90.42
_cell.angle_gamma   90.00
#
_symmetry.space_group_name_H-M   'C 1 2 1'
#
loop_
_entity.id
_entity.type
_entity.pdbx_description
1 polymer 'Guanine riboswitch'
2 non-polymer 'ACETATE ION'
3 non-polymer 'COBALT HEXAMMINE(III)'
4 non-polymer HYPOXANTHINE
5 water water
#
_entity_poly.entity_id   1
_entity_poly.type   'polyribonucleotide'
_entity_poly.pdbx_seq_one_letter_code
;GGACAUAAAAUCGCGUGGAUAUGGCACGCAAGUUUCUUCCGGGCACCGUAAAUGUCCGACUAUGUCC
;
_entity_poly.pdbx_strand_id   A
#